data_6EI1
#
_entry.id   6EI1
#
_cell.length_a   84.230
_cell.length_b   84.230
_cell.length_c   201.780
_cell.angle_alpha   90.00
_cell.angle_beta   90.00
_cell.angle_gamma   120.00
#
_symmetry.space_group_name_H-M   'P 65 2 2'
#
loop_
_entity.id
_entity.type
_entity.pdbx_description
1 polymer 'Zinc finger with UFM1-specific peptidase domain protein'
2 polymer Polyubiquitin-B
3 non-polymer prop-2-en-1-amine
4 non-polymer GLYCEROL
5 non-polymer 'MALONATE ION'
6 water water
#
loop_
_entity_poly.entity_id
_entity_poly.type
_entity_poly.pdbx_seq_one_letter_code
_entity_poly.pdbx_strand_id
1 'polypeptide(L)'
;GDLQLAHQLQQEEDRKRRSEESRQEIEEFQKLQRQYGLDNSGGYKQQQLRNMEIEVNRGRMPPSEFHRRKADMMESLALG
FDDGKTKTSGIIEALHRYYQNAATDVRRVWLSSVVDHFHSSLGDKGWGCGYRNFQMLLSSLLQNDAYNDCLKGMLIPCIP
KIQSMIEDAWKEGFDPQGASQLNNRLQGTKAWIGACEVYILLTSLRVKCHIVDFHKSTGPLGTHPRLFEWILNYYSSEGE
GSPKVVCTSKPPIYLQHQGHSRTVIGIEEKKNRTLCLLILDPGCPSREMQKLLKQDIEASSLKQLRKSMGNLKHKQYQIL
AVEGALSLEEKLARRQASQVFTAEKIP
;
A
2 'polypeptide(L)' MQIFVKTLTGKTITLEVEPSDTIENVKAKIQDKEGIPPDQQRLIFAGKQLEDGRTLSDYNIQKESTLHLVLRLRG B
#
loop_
_chem_comp.id
_chem_comp.type
_chem_comp.name
_chem_comp.formula
AYE non-polymer prop-2-en-1-amine 'C3 H7 N'
GOL non-polymer GLYCEROL 'C3 H8 O3'
MLI non-polymer 'MALONATE ION' 'C3 H2 O4 -2'
#
# COMPACT_ATOMS: atom_id res chain seq x y z
N LEU A 9 11.49 4.08 -49.62
CA LEU A 9 11.99 2.81 -49.09
C LEU A 9 12.03 2.85 -47.56
N GLN A 10 12.59 3.94 -47.02
CA GLN A 10 12.63 4.07 -45.57
C GLN A 10 11.22 4.11 -44.98
N GLN A 11 10.24 4.54 -45.76
CA GLN A 11 8.86 4.54 -45.28
C GLN A 11 8.49 3.14 -44.80
N GLU A 12 8.81 2.11 -45.58
CA GLU A 12 8.58 0.74 -45.15
C GLU A 12 9.36 0.44 -43.88
N GLU A 13 10.65 0.79 -43.86
CA GLU A 13 11.46 0.56 -42.68
C GLU A 13 10.87 1.25 -41.45
N ASP A 14 10.40 2.49 -41.63
CA ASP A 14 9.74 3.19 -40.53
C ASP A 14 8.48 2.45 -40.08
N ARG A 15 7.71 1.92 -41.03
CA ARG A 15 6.51 1.16 -40.67
C ARG A 15 6.88 -0.05 -39.82
N LYS A 16 7.85 -0.85 -40.28
CA LYS A 16 8.30 -2.01 -39.52
C LYS A 16 8.68 -1.61 -38.09
N ARG A 17 9.44 -0.53 -37.95
CA ARG A 17 9.86 -0.08 -36.62
C ARG A 17 8.67 0.28 -35.76
N ARG A 18 7.77 1.11 -36.29
CA ARG A 18 6.59 1.49 -35.53
C ARG A 18 5.72 0.29 -35.20
N SER A 19 5.62 -0.66 -36.14
CA SER A 19 4.79 -1.84 -35.88
C SER A 19 5.35 -2.69 -34.75
N GLU A 20 6.68 -2.75 -34.63
CA GLU A 20 7.29 -3.50 -33.54
C GLU A 20 7.16 -2.75 -32.22
N GLU A 21 7.41 -1.44 -32.24
CA GLU A 21 7.19 -0.62 -31.05
C GLU A 21 5.77 -0.79 -30.53
N SER A 22 4.80 -0.88 -31.44
CA SER A 22 3.41 -0.99 -31.04
C SER A 22 3.13 -2.32 -30.35
N ARG A 23 3.58 -3.42 -30.94
CA ARG A 23 3.40 -4.72 -30.30
C ARG A 23 4.03 -4.73 -28.91
N GLN A 24 5.22 -4.15 -28.78
CA GLN A 24 5.89 -4.08 -27.49
C GLN A 24 5.08 -3.24 -26.49
N GLU A 25 4.66 -2.06 -26.91
CA GLU A 25 3.91 -1.18 -26.04
C GLU A 25 2.61 -1.84 -25.58
N ILE A 26 1.87 -2.43 -26.51
CA ILE A 26 0.58 -3.04 -26.18
C ILE A 26 0.78 -4.17 -25.17
N GLU A 27 1.81 -4.97 -25.37
CA GLU A 27 2.09 -6.08 -24.48
C GLU A 27 2.44 -5.60 -23.08
N GLU A 28 3.33 -4.62 -22.97
CA GLU A 28 3.72 -4.13 -21.66
C GLU A 28 2.56 -3.40 -20.97
N PHE A 29 1.77 -2.65 -21.75
CA PHE A 29 0.63 -1.94 -21.17
C PHE A 29 -0.34 -2.90 -20.52
N GLN A 30 -0.68 -3.99 -21.22
CA GLN A 30 -1.60 -4.97 -20.67
C GLN A 30 -1.01 -5.64 -19.42
N LYS A 31 0.28 -5.93 -19.45
CA LYS A 31 0.94 -6.50 -18.28
C LYS A 31 0.86 -5.56 -17.10
N LEU A 32 1.16 -4.29 -17.31
CA LEU A 32 1.17 -3.34 -16.19
C LEU A 32 -0.25 -3.09 -15.69
N GLN A 33 -1.20 -2.96 -16.60
CA GLN A 33 -2.58 -2.77 -16.16
C GLN A 33 -3.02 -3.93 -15.29
N ARG A 34 -2.71 -5.16 -15.69
CA ARG A 34 -3.08 -6.33 -14.90
C ARG A 34 -2.41 -6.30 -13.53
N GLN A 35 -1.11 -6.01 -13.51
CA GLN A 35 -0.36 -6.01 -12.25
C GLN A 35 -0.96 -5.02 -11.27
N TYR A 36 -1.25 -3.81 -11.74
CA TYR A 36 -1.76 -2.76 -10.87
C TYR A 36 -3.26 -2.84 -10.64
N GLY A 37 -3.93 -3.78 -11.27
CA GLY A 37 -5.35 -3.98 -11.04
C GLY A 37 -6.24 -3.01 -11.78
N LEU A 38 -5.76 -2.46 -12.89
CA LEU A 38 -6.46 -1.40 -13.63
C LEU A 38 -6.96 -1.84 -15.00
N ASP A 39 -6.82 -3.12 -15.35
CA ASP A 39 -7.27 -3.59 -16.65
C ASP A 39 -8.75 -3.89 -16.68
N ASN A 40 -9.47 -3.60 -15.59
N ASN A 40 -9.48 -3.59 -15.59
CA ASN A 40 -10.91 -3.80 -15.47
CA ASN A 40 -10.92 -3.79 -15.51
C ASN A 40 -11.31 -5.20 -15.93
C ASN A 40 -11.30 -5.20 -15.94
N SER A 41 -10.72 -6.19 -15.25
CA SER A 41 -10.97 -7.60 -15.53
C SER A 41 -11.62 -8.30 -14.34
N GLY A 42 -12.41 -7.57 -13.55
CA GLY A 42 -13.11 -8.16 -12.43
C GLY A 42 -12.45 -7.80 -11.12
N GLY A 43 -12.97 -8.39 -10.05
CA GLY A 43 -12.54 -8.05 -8.70
C GLY A 43 -12.51 -9.21 -7.72
N TYR A 44 -12.72 -8.88 -6.45
CA TYR A 44 -12.58 -9.84 -5.36
C TYR A 44 -13.49 -11.03 -5.53
N LYS A 45 -14.77 -10.77 -5.82
CA LYS A 45 -15.74 -11.85 -5.95
C LYS A 45 -15.29 -12.85 -7.00
N GLN A 46 -14.87 -12.35 -8.17
CA GLN A 46 -14.50 -13.23 -9.26
C GLN A 46 -13.27 -14.06 -8.91
N GLN A 47 -12.28 -13.42 -8.27
CA GLN A 47 -11.04 -14.14 -7.97
C GLN A 47 -11.26 -15.19 -6.89
N GLN A 48 -12.07 -14.87 -5.87
CA GLN A 48 -12.41 -15.88 -4.87
C GLN A 48 -13.04 -17.10 -5.53
N LEU A 49 -14.04 -16.88 -6.38
CA LEU A 49 -14.74 -17.99 -7.02
C LEU A 49 -13.80 -18.74 -7.97
N ARG A 50 -13.06 -18.00 -8.80
CA ARG A 50 -12.15 -18.66 -9.72
C ARG A 50 -11.10 -19.47 -8.97
N ASN A 51 -10.59 -18.95 -7.86
CA ASN A 51 -9.56 -19.67 -7.12
C ASN A 51 -10.12 -20.81 -6.29
N MET A 52 -11.38 -20.73 -5.88
CA MET A 52 -12.02 -21.89 -5.27
C MET A 52 -12.37 -22.93 -6.33
N GLU A 53 -12.76 -22.50 -7.52
CA GLU A 53 -13.01 -23.45 -8.59
C GLU A 53 -11.75 -24.23 -8.95
N ILE A 54 -10.59 -23.57 -8.87
CA ILE A 54 -9.33 -24.26 -9.12
C ILE A 54 -9.10 -25.33 -8.05
N GLU A 55 -9.41 -25.01 -6.79
CA GLU A 55 -9.22 -25.98 -5.72
C GLU A 55 -10.11 -27.21 -5.93
N VAL A 56 -11.31 -27.00 -6.47
CA VAL A 56 -12.18 -28.13 -6.80
C VAL A 56 -11.61 -28.91 -7.98
N ASN A 57 -11.17 -28.20 -9.03
CA ASN A 57 -10.64 -28.87 -10.21
C ASN A 57 -9.39 -29.67 -9.87
N ARG A 58 -8.63 -29.23 -8.87
CA ARG A 58 -7.46 -29.96 -8.40
C ARG A 58 -7.79 -31.02 -7.37
N GLY A 59 -9.08 -31.40 -7.26
CA GLY A 59 -9.47 -32.43 -6.32
C GLY A 59 -9.09 -32.13 -4.89
N ARG A 60 -8.97 -30.84 -4.53
CA ARG A 60 -8.62 -30.43 -3.18
C ARG A 60 -9.78 -29.75 -2.46
N MET A 61 -11.01 -29.92 -2.96
CA MET A 61 -12.15 -29.23 -2.36
C MET A 61 -13.47 -29.75 -2.94
N PRO A 62 -14.36 -30.30 -2.12
CA PRO A 62 -15.60 -30.86 -2.66
C PRO A 62 -16.54 -29.78 -3.16
N PRO A 63 -17.27 -30.03 -4.24
CA PRO A 63 -18.17 -28.99 -4.78
C PRO A 63 -19.22 -28.53 -3.78
N SER A 64 -19.57 -29.36 -2.80
CA SER A 64 -20.59 -28.96 -1.83
C SER A 64 -20.12 -27.77 -1.00
N GLU A 65 -18.92 -27.86 -0.43
CA GLU A 65 -18.44 -26.77 0.41
C GLU A 65 -18.24 -25.50 -0.42
N PHE A 66 -17.76 -25.65 -1.66
CA PHE A 66 -17.71 -24.53 -2.58
C PHE A 66 -19.03 -23.78 -2.59
N HIS A 67 -20.13 -24.52 -2.77
CA HIS A 67 -21.45 -23.92 -2.67
C HIS A 67 -21.66 -23.23 -1.34
N ARG A 68 -21.03 -23.72 -0.27
CA ARG A 68 -21.21 -23.14 1.05
C ARG A 68 -20.36 -21.89 1.24
N ARG A 69 -19.07 -21.97 0.88
CA ARG A 69 -18.20 -20.81 0.98
C ARG A 69 -18.67 -19.71 0.05
N LYS A 70 -19.17 -20.07 -1.14
CA LYS A 70 -19.76 -19.08 -2.03
C LYS A 70 -20.97 -18.41 -1.38
N ALA A 71 -21.80 -19.20 -0.69
CA ALA A 71 -22.96 -18.63 0.00
C ALA A 71 -22.53 -17.68 1.10
N ASP A 72 -21.59 -18.11 1.94
CA ASP A 72 -21.04 -17.23 2.97
C ASP A 72 -20.49 -15.96 2.33
N MET A 73 -19.64 -16.11 1.31
CA MET A 73 -19.03 -14.96 0.66
C MET A 73 -20.10 -13.97 0.23
N MET A 74 -21.18 -14.47 -0.35
CA MET A 74 -22.21 -13.56 -0.88
C MET A 74 -22.92 -12.82 0.22
N GLU A 75 -23.11 -13.46 1.38
CA GLU A 75 -23.69 -12.76 2.53
C GLU A 75 -22.78 -11.64 2.99
N SER A 76 -21.49 -11.95 3.17
CA SER A 76 -20.54 -10.94 3.62
C SER A 76 -20.48 -9.77 2.65
N LEU A 77 -20.39 -10.06 1.34
CA LEU A 77 -20.38 -8.99 0.35
C LEU A 77 -21.65 -8.16 0.44
N ALA A 78 -22.80 -8.81 0.66
CA ALA A 78 -24.05 -8.07 0.74
C ALA A 78 -24.06 -7.16 1.97
N LEU A 79 -23.53 -7.64 3.09
CA LEU A 79 -23.50 -6.84 4.31
C LEU A 79 -22.36 -5.83 4.31
N GLY A 80 -21.33 -6.07 3.51
CA GLY A 80 -20.14 -5.25 3.52
C GLY A 80 -19.17 -5.57 4.64
N PHE A 81 -19.32 -6.72 5.30
CA PHE A 81 -18.51 -7.05 6.46
C PHE A 81 -17.47 -8.10 6.10
N ASP A 82 -16.26 -7.90 6.59
CA ASP A 82 -15.24 -8.94 6.49
C ASP A 82 -15.65 -10.14 7.32
N ASP A 83 -15.47 -11.35 6.77
CA ASP A 83 -15.95 -12.53 7.48
C ASP A 83 -14.98 -13.05 8.53
N GLY A 84 -13.83 -12.40 8.71
CA GLY A 84 -12.91 -12.77 9.77
C GLY A 84 -12.13 -14.05 9.54
N LYS A 85 -12.28 -14.70 8.39
CA LYS A 85 -11.59 -15.96 8.14
C LYS A 85 -10.08 -15.80 8.08
N THR A 86 -9.59 -14.59 7.76
CA THR A 86 -8.15 -14.33 7.68
C THR A 86 -7.66 -13.51 8.87
N LYS A 87 -8.43 -13.42 9.93
CA LYS A 87 -8.11 -12.59 11.09
C LYS A 87 -7.39 -13.43 12.14
N THR A 88 -6.33 -12.84 12.71
CA THR A 88 -5.64 -13.43 13.87
C THR A 88 -5.53 -12.36 14.94
N SER A 89 -6.11 -12.65 16.10
CA SER A 89 -6.15 -11.72 17.23
C SER A 89 -5.12 -12.13 18.28
N GLY A 90 -4.78 -11.18 19.14
CA GLY A 90 -4.01 -11.47 20.33
C GLY A 90 -2.53 -11.23 20.24
N ILE A 91 -2.04 -10.66 19.15
CA ILE A 91 -0.59 -10.56 18.94
C ILE A 91 0.03 -9.53 19.87
N ILE A 92 -0.63 -8.40 20.08
CA ILE A 92 -0.05 -7.38 20.94
C ILE A 92 0.11 -7.93 22.36
N GLU A 93 -0.96 -8.57 22.84
CA GLU A 93 -0.96 -9.16 24.17
C GLU A 93 0.13 -10.21 24.29
N ALA A 94 0.29 -11.05 23.26
CA ALA A 94 1.34 -12.07 23.29
C ALA A 94 2.72 -11.43 23.32
N LEU A 95 2.91 -10.37 22.52
CA LEU A 95 4.20 -9.67 22.51
C LEU A 95 4.47 -9.03 23.87
N HIS A 96 3.45 -8.41 24.46
CA HIS A 96 3.57 -7.88 25.81
C HIS A 96 4.12 -8.94 26.75
N ARG A 97 3.50 -10.12 26.75
CA ARG A 97 3.94 -11.20 27.63
C ARG A 97 5.39 -11.56 27.35
N TYR A 98 5.74 -11.67 26.07
CA TYR A 98 7.09 -12.07 25.70
C TYR A 98 8.13 -11.06 26.16
N TYR A 99 7.94 -9.79 25.80
CA TYR A 99 8.92 -8.79 26.18
C TYR A 99 9.01 -8.64 27.69
N GLN A 100 7.90 -8.87 28.39
CA GLN A 100 7.89 -8.74 29.84
C GLN A 100 8.65 -9.89 30.49
N ASN A 101 8.44 -11.11 30.00
CA ASN A 101 8.90 -12.31 30.68
C ASN A 101 10.18 -12.88 30.10
N ALA A 102 10.31 -12.89 28.78
CA ALA A 102 11.43 -13.57 28.14
C ALA A 102 12.70 -12.73 28.21
N ALA A 103 13.84 -13.43 28.18
CA ALA A 103 15.15 -12.78 28.11
C ALA A 103 15.38 -12.30 26.69
N THR A 104 15.55 -10.99 26.52
CA THR A 104 15.64 -10.37 25.21
C THR A 104 16.82 -9.42 25.18
N ASP A 105 17.15 -8.95 23.96
CA ASP A 105 18.17 -7.94 23.75
C ASP A 105 17.57 -6.54 23.66
N VAL A 106 16.44 -6.32 24.32
CA VAL A 106 15.68 -5.08 24.21
C VAL A 106 15.84 -4.28 25.49
N ARG A 107 16.17 -3.00 25.34
CA ARG A 107 16.16 -2.06 26.46
C ARG A 107 14.73 -1.60 26.76
N ARG A 108 14.05 -1.06 25.76
CA ARG A 108 12.65 -0.71 25.89
C ARG A 108 11.95 -1.00 24.58
N VAL A 109 10.67 -1.36 24.67
CA VAL A 109 9.84 -1.61 23.50
C VAL A 109 8.50 -0.91 23.68
N TRP A 110 8.03 -0.25 22.63
CA TRP A 110 6.75 0.44 22.60
C TRP A 110 5.84 -0.26 21.62
N LEU A 111 4.64 -0.61 22.07
CA LEU A 111 3.68 -1.31 21.24
C LEU A 111 2.46 -0.45 21.00
N SER A 112 1.87 -0.62 19.83
CA SER A 112 0.56 -0.04 19.58
C SER A 112 -0.48 -0.69 20.48
N SER A 113 -1.68 -0.13 20.46
CA SER A 113 -2.79 -0.80 21.10
C SER A 113 -3.05 -2.12 20.39
N VAL A 114 -3.98 -2.88 20.95
CA VAL A 114 -4.50 -4.08 20.33
C VAL A 114 -4.68 -3.88 18.84
N VAL A 115 -4.21 -4.85 18.05
CA VAL A 115 -4.32 -4.85 16.60
C VAL A 115 -4.63 -6.26 16.16
N ASP A 116 -5.65 -6.42 15.32
CA ASP A 116 -5.93 -7.69 14.67
C ASP A 116 -5.14 -7.77 13.39
N HIS A 117 -4.45 -8.90 13.17
CA HIS A 117 -3.80 -9.17 11.90
C HIS A 117 -4.81 -9.70 10.90
N PHE A 118 -4.74 -9.18 9.67
CA PHE A 118 -5.54 -9.68 8.55
C PHE A 118 -4.61 -10.01 7.41
N HIS A 119 -4.72 -11.23 6.87
CA HIS A 119 -4.01 -11.54 5.64
C HIS A 119 -5.01 -11.64 4.49
N SER A 120 -4.49 -11.71 3.29
CA SER A 120 -5.34 -11.82 2.11
C SER A 120 -5.99 -13.19 2.05
N SER A 121 -7.17 -13.22 1.45
CA SER A 121 -7.88 -14.46 1.17
C SER A 121 -7.59 -14.89 -0.25
N LEU A 122 -8.24 -15.97 -0.69
CA LEU A 122 -8.12 -16.32 -2.10
C LEU A 122 -8.65 -15.22 -2.99
N GLY A 123 -9.50 -14.33 -2.46
CA GLY A 123 -10.11 -13.30 -3.27
C GLY A 123 -9.23 -12.10 -3.54
N ASP A 124 -8.37 -11.73 -2.60
CA ASP A 124 -7.51 -10.57 -2.80
C ASP A 124 -6.02 -10.89 -2.76
N LYS A 125 -5.64 -12.17 -2.71
CA LYS A 125 -4.21 -12.47 -2.68
C LYS A 125 -3.55 -11.90 -3.93
N GLY A 126 -2.40 -11.27 -3.75
CA GLY A 126 -1.69 -10.61 -4.81
C GLY A 126 -1.92 -9.11 -4.89
N TRP A 127 -3.06 -8.62 -4.38
CA TRP A 127 -3.35 -7.21 -4.52
C TRP A 127 -4.00 -6.55 -3.31
N GLY A 128 -4.37 -7.28 -2.28
CA GLY A 128 -5.15 -6.69 -1.22
C GLY A 128 -4.38 -6.00 -0.12
N CYS A 129 -3.04 -5.90 -0.19
CA CYS A 129 -2.27 -5.50 0.98
C CYS A 129 -2.75 -4.17 1.55
N GLY A 130 -2.91 -3.16 0.70
CA GLY A 130 -3.32 -1.86 1.21
C GLY A 130 -4.63 -1.93 1.96
N TYR A 131 -5.58 -2.69 1.43
CA TYR A 131 -6.88 -2.86 2.08
C TYR A 131 -6.72 -3.61 3.39
N ARG A 132 -5.90 -4.66 3.41
CA ARG A 132 -5.73 -5.44 4.63
C ARG A 132 -5.01 -4.64 5.71
N ASN A 133 -4.07 -3.78 5.32
CA ASN A 133 -3.44 -2.92 6.31
C ASN A 133 -4.42 -1.91 6.85
N PHE A 134 -5.36 -1.46 6.01
CA PHE A 134 -6.42 -0.60 6.53
C PHE A 134 -7.25 -1.33 7.56
N GLN A 135 -7.58 -2.60 7.30
CA GLN A 135 -8.34 -3.37 8.28
C GLN A 135 -7.59 -3.48 9.60
N MET A 136 -6.29 -3.75 9.55
CA MET A 136 -5.51 -3.85 10.79
C MET A 136 -5.53 -2.54 11.56
N LEU A 137 -5.29 -1.43 10.87
CA LEU A 137 -5.35 -0.13 11.51
C LEU A 137 -6.73 0.15 12.07
N LEU A 138 -7.77 -0.14 11.30
CA LEU A 138 -9.12 0.12 11.77
C LEU A 138 -9.45 -0.71 13.01
N SER A 139 -8.92 -1.95 13.08
CA SER A 139 -9.22 -2.78 14.24
C SER A 139 -8.73 -2.13 15.51
N SER A 140 -7.60 -1.40 15.44
CA SER A 140 -7.11 -0.68 16.60
C SER A 140 -8.01 0.49 16.96
N LEU A 141 -8.43 1.28 15.95
CA LEU A 141 -9.33 2.40 16.21
C LEU A 141 -10.64 1.93 16.82
N LEU A 142 -11.17 0.80 16.36
CA LEU A 142 -12.46 0.32 16.82
C LEU A 142 -12.45 -0.14 18.27
N GLN A 143 -11.29 -0.39 18.87
CA GLN A 143 -11.23 -0.70 20.29
C GLN A 143 -10.73 0.47 21.12
N ASN A 144 -10.57 1.63 20.50
CA ASN A 144 -10.07 2.84 21.14
C ASN A 144 -11.23 3.80 21.34
N ASP A 145 -11.58 4.07 22.60
CA ASP A 145 -12.76 4.87 22.89
C ASP A 145 -12.72 6.25 22.23
N ALA A 146 -11.53 6.76 21.92
CA ALA A 146 -11.41 8.09 21.33
C ALA A 146 -12.06 8.18 19.96
N TYR A 147 -12.29 7.04 19.30
CA TYR A 147 -12.87 7.02 17.96
C TYR A 147 -14.31 6.55 17.95
N ASN A 148 -14.91 6.36 19.12
CA ASN A 148 -16.26 5.80 19.18
C ASN A 148 -17.27 6.68 18.45
N ASP A 149 -17.11 8.00 18.52
CA ASP A 149 -18.10 8.86 17.88
C ASP A 149 -17.95 8.85 16.37
N CYS A 150 -16.73 8.98 15.86
CA CYS A 150 -16.59 9.04 14.41
C CYS A 150 -16.66 7.67 13.76
N LEU A 151 -16.52 6.59 14.52
CA LEU A 151 -16.62 5.24 13.96
C LEU A 151 -17.83 4.48 14.47
N LYS A 152 -18.62 5.07 15.37
CA LYS A 152 -19.85 4.49 15.93
C LYS A 152 -19.96 2.98 15.75
N GLY A 153 -19.01 2.23 16.31
CA GLY A 153 -19.10 0.78 16.34
C GLY A 153 -19.29 0.10 15.00
N MET A 154 -18.88 0.73 13.91
CA MET A 154 -18.83 0.05 12.62
C MET A 154 -18.05 -1.25 12.78
N LEU A 155 -18.23 -2.18 11.85
CA LEU A 155 -17.48 -3.41 11.79
C LEU A 155 -16.38 -3.30 10.75
N ILE A 156 -15.42 -4.22 10.80
CA ILE A 156 -14.36 -4.27 9.78
C ILE A 156 -15.03 -4.50 8.43
N PRO A 157 -14.86 -3.61 7.46
CA PRO A 157 -15.49 -3.82 6.16
C PRO A 157 -14.71 -4.81 5.31
N CYS A 158 -15.42 -5.50 4.44
CA CYS A 158 -14.77 -6.38 3.49
C CYS A 158 -14.09 -5.56 2.41
N ILE A 159 -13.18 -6.20 1.67
CA ILE A 159 -12.42 -5.47 0.65
C ILE A 159 -13.36 -4.75 -0.33
N PRO A 160 -14.37 -5.40 -0.91
CA PRO A 160 -15.25 -4.64 -1.80
C PRO A 160 -15.91 -3.45 -1.12
N LYS A 161 -16.21 -3.55 0.18
CA LYS A 161 -16.79 -2.41 0.89
C LYS A 161 -15.77 -1.31 1.11
N ILE A 162 -14.52 -1.68 1.41
CA ILE A 162 -13.46 -0.69 1.48
C ILE A 162 -13.34 0.05 0.15
N GLN A 163 -13.46 -0.68 -0.95
CA GLN A 163 -13.41 -0.04 -2.27
C GLN A 163 -14.57 0.93 -2.43
N SER A 164 -15.77 0.53 -2.04
CA SER A 164 -16.93 1.42 -2.09
C SER A 164 -16.72 2.66 -1.25
N MET A 165 -16.08 2.50 -0.08
CA MET A 165 -15.90 3.62 0.84
C MET A 165 -14.86 4.60 0.32
N ILE A 166 -13.84 4.10 -0.38
CA ILE A 166 -12.91 5.00 -1.05
C ILE A 166 -13.63 5.76 -2.16
N GLU A 167 -14.45 5.06 -2.95
CA GLU A 167 -15.26 5.75 -3.96
C GLU A 167 -16.13 6.82 -3.32
N ASP A 168 -16.70 6.52 -2.15
CA ASP A 168 -17.54 7.50 -1.47
C ASP A 168 -16.75 8.75 -1.13
N ALA A 169 -15.51 8.58 -0.69
CA ALA A 169 -14.66 9.73 -0.40
C ALA A 169 -14.39 10.52 -1.67
N TRP A 170 -14.06 9.84 -2.78
CA TRP A 170 -13.91 10.52 -4.05
C TRP A 170 -15.17 11.30 -4.42
N LYS A 171 -16.33 10.69 -4.21
CA LYS A 171 -17.58 11.36 -4.56
C LYS A 171 -17.81 12.59 -3.69
N GLU A 172 -17.39 12.52 -2.42
CA GLU A 172 -17.46 13.69 -1.55
C GLU A 172 -16.61 14.84 -2.07
N GLY A 173 -15.59 14.55 -2.87
CA GLY A 173 -14.67 15.56 -3.37
C GLY A 173 -13.22 15.33 -2.97
N PHE A 174 -12.88 14.26 -2.26
CA PHE A 174 -11.50 14.03 -1.88
C PHE A 174 -10.65 13.64 -3.09
N ASP A 175 -9.46 14.21 -3.16
CA ASP A 175 -8.36 13.77 -4.02
C ASP A 175 -8.82 13.38 -5.43
N PRO A 176 -9.34 14.34 -6.21
CA PRO A 176 -9.76 14.01 -7.57
C PRO A 176 -8.63 13.51 -8.47
N GLN A 177 -7.39 13.95 -8.24
CA GLN A 177 -6.28 13.47 -9.06
C GLN A 177 -6.04 11.99 -8.83
N GLY A 178 -6.05 11.56 -7.57
CA GLY A 178 -5.90 10.15 -7.26
C GLY A 178 -7.06 9.33 -7.80
N ALA A 179 -8.28 9.86 -7.68
CA ALA A 179 -9.43 9.17 -8.26
C ALA A 179 -9.21 8.92 -9.75
N SER A 180 -8.70 9.92 -10.47
CA SER A 180 -8.58 9.75 -11.92
C SER A 180 -7.50 8.73 -12.25
N GLN A 181 -6.47 8.63 -11.39
CA GLN A 181 -5.42 7.65 -11.58
C GLN A 181 -5.94 6.22 -11.49
N LEU A 182 -7.07 6.01 -10.81
CA LEU A 182 -7.65 4.69 -10.61
C LEU A 182 -8.97 4.54 -11.34
N ASN A 183 -9.15 5.28 -12.43
CA ASN A 183 -10.35 5.26 -13.26
C ASN A 183 -11.62 5.58 -12.49
N ASN A 184 -11.49 6.30 -11.36
CA ASN A 184 -12.63 6.68 -10.55
C ASN A 184 -13.49 5.47 -10.17
N ARG A 185 -12.87 4.30 -10.03
CA ARG A 185 -13.61 3.09 -9.73
C ARG A 185 -12.69 2.07 -9.09
N LEU A 186 -13.13 1.49 -7.97
CA LEU A 186 -12.41 0.39 -7.34
C LEU A 186 -13.23 -0.88 -7.19
N GLN A 187 -14.53 -0.77 -6.96
CA GLN A 187 -15.36 -1.96 -6.88
C GLN A 187 -15.25 -2.75 -8.16
N GLY A 188 -15.22 -4.07 -8.03
CA GLY A 188 -15.07 -4.92 -9.20
C GLY A 188 -13.71 -4.84 -9.85
N THR A 189 -12.71 -4.30 -9.15
CA THR A 189 -11.33 -4.28 -9.63
C THR A 189 -10.42 -4.88 -8.58
N LYS A 190 -9.19 -5.15 -8.98
CA LYS A 190 -8.13 -5.62 -8.09
C LYS A 190 -7.09 -4.54 -7.88
N ALA A 191 -7.53 -3.28 -7.89
CA ALA A 191 -6.61 -2.15 -7.93
C ALA A 191 -5.74 -2.07 -6.69
N TRP A 192 -4.43 -1.92 -6.91
CA TRP A 192 -3.52 -1.54 -5.84
C TRP A 192 -3.89 -0.16 -5.33
N ILE A 193 -3.82 0.03 -4.02
CA ILE A 193 -4.01 1.35 -3.44
C ILE A 193 -2.78 1.73 -2.63
N GLY A 194 -2.76 2.98 -2.19
CA GLY A 194 -1.66 3.51 -1.43
C GLY A 194 -2.13 4.32 -0.25
N ALA A 195 -1.16 4.93 0.44
CA ALA A 195 -1.46 5.75 1.60
C ALA A 195 -2.44 6.86 1.28
N CYS A 196 -2.42 7.37 0.04
N CYS A 196 -2.38 7.40 0.05
CA CYS A 196 -3.31 8.46 -0.34
CA CYS A 196 -3.33 8.44 -0.32
C CYS A 196 -4.78 8.02 -0.29
C CYS A 196 -4.76 7.97 -0.17
N GLU A 197 -5.06 6.79 -0.72
CA GLU A 197 -6.43 6.27 -0.63
C GLU A 197 -6.83 6.02 0.80
N VAL A 198 -5.93 5.46 1.60
CA VAL A 198 -6.25 5.20 3.00
C VAL A 198 -6.48 6.52 3.72
N TYR A 199 -5.69 7.55 3.36
CA TYR A 199 -5.85 8.87 3.98
C TYR A 199 -7.23 9.45 3.73
N ILE A 200 -7.69 9.45 2.47
CA ILE A 200 -8.97 10.07 2.22
C ILE A 200 -10.07 9.21 2.80
N LEU A 201 -9.84 7.90 2.89
CA LEU A 201 -10.83 7.03 3.50
C LEU A 201 -11.03 7.36 4.97
N LEU A 202 -9.93 7.42 5.72
CA LEU A 202 -10.04 7.76 7.14
C LEU A 202 -10.54 9.19 7.33
N THR A 203 -10.03 10.12 6.54
CA THR A 203 -10.47 11.50 6.68
C THR A 203 -11.96 11.64 6.40
N SER A 204 -12.49 10.85 5.45
CA SER A 204 -13.91 10.93 5.15
C SER A 204 -14.74 10.41 6.31
N LEU A 205 -14.15 9.58 7.17
CA LEU A 205 -14.81 9.10 8.38
C LEU A 205 -14.52 9.99 9.58
N ARG A 206 -14.00 11.20 9.36
CA ARG A 206 -13.68 12.15 10.43
C ARG A 206 -12.57 11.65 11.34
N VAL A 207 -11.67 10.83 10.80
CA VAL A 207 -10.46 10.43 11.51
C VAL A 207 -9.32 11.35 11.10
N LYS A 208 -8.65 11.95 12.09
CA LYS A 208 -7.52 12.82 11.83
C LYS A 208 -6.27 11.98 11.61
N CYS A 209 -5.66 12.11 10.44
CA CYS A 209 -4.45 11.36 10.15
C CYS A 209 -3.61 12.19 9.20
N HIS A 210 -2.41 11.70 8.92
CA HIS A 210 -1.60 12.40 7.93
C HIS A 210 -0.54 11.48 7.37
N ILE A 211 -0.08 11.83 6.18
CA ILE A 211 0.95 11.09 5.47
C ILE A 211 2.29 11.78 5.70
N VAL A 212 3.34 11.00 5.90
CA VAL A 212 4.71 11.50 5.89
C VAL A 212 5.45 10.73 4.82
N ASP A 213 6.11 11.46 3.94
CA ASP A 213 6.72 10.94 2.73
C ASP A 213 8.23 10.93 2.92
N PHE A 214 8.78 9.75 3.17
CA PHE A 214 10.22 9.54 3.28
C PHE A 214 10.73 9.21 1.89
N HIS A 215 10.99 10.26 1.11
CA HIS A 215 11.08 10.12 -0.34
C HIS A 215 12.46 9.70 -0.82
N LYS A 216 13.47 9.71 0.05
CA LYS A 216 14.79 9.19 -0.29
C LYS A 216 15.46 8.71 0.98
N SER A 217 16.42 7.81 0.81
CA SER A 217 17.15 7.32 1.99
C SER A 217 17.94 8.44 2.64
N THR A 218 18.10 8.33 3.96
CA THR A 218 18.71 9.35 4.78
C THR A 218 19.94 8.87 5.55
N GLY A 219 20.35 7.61 5.36
CA GLY A 219 21.46 7.06 6.10
C GLY A 219 22.38 6.25 5.21
N PRO A 220 23.50 5.80 5.77
CA PRO A 220 24.45 5.03 4.97
C PRO A 220 23.85 3.73 4.46
N LEU A 221 24.37 3.28 3.33
CA LEU A 221 23.95 2.00 2.73
C LEU A 221 22.46 1.97 2.45
N GLY A 222 21.90 3.13 2.09
CA GLY A 222 20.52 3.19 1.65
C GLY A 222 19.49 3.03 2.74
N THR A 223 19.83 3.37 3.98
CA THR A 223 18.94 3.20 5.10
C THR A 223 18.10 4.44 5.33
N HIS A 224 17.09 4.30 6.19
CA HIS A 224 16.09 5.31 6.45
C HIS A 224 16.03 5.64 7.92
N PRO A 225 17.14 6.10 8.50
CA PRO A 225 17.11 6.45 9.93
C PRO A 225 16.05 7.47 10.30
N ARG A 226 15.77 8.44 9.42
CA ARG A 226 14.73 9.41 9.76
C ARG A 226 13.37 8.73 9.95
N LEU A 227 13.09 7.70 9.15
CA LEU A 227 11.85 6.96 9.29
C LEU A 227 11.79 6.24 10.63
N PHE A 228 12.87 5.55 11.00
CA PHE A 228 12.91 4.86 12.28
C PHE A 228 12.77 5.84 13.43
N GLU A 229 13.43 7.00 13.34
CA GLU A 229 13.38 7.99 14.41
C GLU A 229 11.99 8.62 14.49
N TRP A 230 11.34 8.84 13.34
CA TRP A 230 9.97 9.33 13.34
C TRP A 230 9.07 8.37 14.08
N ILE A 231 9.21 7.08 13.80
CA ILE A 231 8.37 6.08 14.44
C ILE A 231 8.69 5.98 15.92
N LEU A 232 9.97 6.10 16.28
CA LEU A 232 10.32 6.13 17.69
C LEU A 232 9.63 7.29 18.39
N ASN A 233 9.66 8.48 17.76
CA ASN A 233 9.02 9.64 18.38
C ASN A 233 7.51 9.47 18.45
N TYR A 234 6.91 8.84 17.45
CA TYR A 234 5.47 8.53 17.49
C TYR A 234 5.13 7.68 18.71
N TYR A 235 5.87 6.60 18.94
CA TYR A 235 5.48 5.64 19.96
C TYR A 235 5.94 5.99 21.36
N SER A 236 7.02 6.74 21.50
CA SER A 236 7.60 6.95 22.82
C SER A 236 7.09 8.26 23.42
N SER A 237 7.38 8.45 24.71
CA SER A 237 6.88 9.59 25.46
C SER A 237 7.86 10.01 26.56
N SER A 242 8.20 4.77 31.09
CA SER A 242 9.07 4.37 32.19
C SER A 242 9.29 2.86 32.25
N PRO A 243 8.26 2.04 32.05
CA PRO A 243 8.48 0.59 32.10
C PRO A 243 9.20 0.09 30.86
N LYS A 244 9.78 -1.11 30.99
CA LYS A 244 10.53 -1.71 29.90
C LYS A 244 9.64 -1.96 28.68
N VAL A 245 8.44 -2.44 28.90
CA VAL A 245 7.47 -2.70 27.83
C VAL A 245 6.31 -1.72 28.01
N VAL A 246 6.04 -0.91 26.99
CA VAL A 246 4.98 0.08 27.07
C VAL A 246 3.95 -0.26 26.02
N CYS A 247 2.80 -0.79 26.45
N CYS A 247 2.80 -0.77 26.45
CA CYS A 247 1.67 -1.00 25.56
CA CYS A 247 1.69 -1.00 25.54
C CYS A 247 0.87 0.30 25.53
C CYS A 247 0.85 0.28 25.52
N THR A 248 1.05 1.07 24.48
CA THR A 248 0.47 2.41 24.40
C THR A 248 -0.98 2.34 23.95
N SER A 249 -1.62 3.50 23.93
CA SER A 249 -2.96 3.58 23.38
C SER A 249 -2.97 3.72 21.87
N LYS A 250 -1.80 3.84 21.26
CA LYS A 250 -1.73 4.45 19.93
C LYS A 250 -2.03 3.43 18.83
N PRO A 251 -2.67 3.87 17.75
CA PRO A 251 -2.90 2.97 16.63
C PRO A 251 -1.59 2.59 15.96
N PRO A 252 -1.58 1.50 15.21
CA PRO A 252 -0.41 1.16 14.41
C PRO A 252 -0.26 2.11 13.24
N ILE A 253 0.86 1.97 12.52
CA ILE A 253 1.22 2.86 11.43
C ILE A 253 1.15 2.12 10.11
N TYR A 254 0.45 2.71 9.14
CA TYR A 254 0.40 2.18 7.78
C TYR A 254 1.69 2.54 7.07
N LEU A 255 2.36 1.53 6.49
CA LEU A 255 3.69 1.70 5.90
C LEU A 255 3.68 1.25 4.45
N GLN A 256 3.90 2.19 3.55
CA GLN A 256 3.83 1.95 2.12
C GLN A 256 5.23 2.01 1.52
N HIS A 257 5.54 1.03 0.67
CA HIS A 257 6.63 1.20 -0.28
C HIS A 257 6.10 0.81 -1.66
N GLN A 258 6.94 0.92 -2.67
CA GLN A 258 6.48 0.66 -4.02
C GLN A 258 6.16 -0.81 -4.18
N GLY A 259 4.89 -1.14 -4.38
CA GLY A 259 4.50 -2.49 -4.67
C GLY A 259 3.88 -3.23 -3.50
N HIS A 260 4.06 -2.75 -2.27
CA HIS A 260 3.56 -3.49 -1.12
C HIS A 260 3.47 -2.56 0.08
N SER A 261 2.54 -2.88 0.97
CA SER A 261 2.35 -2.12 2.19
C SER A 261 2.31 -3.09 3.38
N ARG A 262 2.63 -2.56 4.55
CA ARG A 262 2.61 -3.31 5.80
C ARG A 262 2.12 -2.42 6.92
N THR A 263 2.04 -2.98 8.13
CA THR A 263 1.55 -2.27 9.30
C THR A 263 2.59 -2.37 10.41
N VAL A 264 3.06 -1.21 10.89
CA VAL A 264 4.04 -1.15 11.96
C VAL A 264 3.29 -1.10 13.28
N ILE A 265 3.54 -2.07 14.15
CA ILE A 265 2.82 -2.19 15.41
C ILE A 265 3.67 -1.87 16.62
N GLY A 266 4.93 -1.50 16.43
CA GLY A 266 5.78 -1.22 17.57
C GLY A 266 7.20 -0.96 17.14
N ILE A 267 8.02 -0.67 18.12
CA ILE A 267 9.44 -0.42 17.86
C ILE A 267 10.21 -0.77 19.12
N GLU A 268 11.32 -1.49 18.92
CA GLU A 268 12.24 -1.83 19.99
C GLU A 268 13.41 -0.86 19.99
N GLU A 269 13.83 -0.47 21.18
CA GLU A 269 15.14 0.14 21.39
C GLU A 269 16.03 -0.96 21.94
N LYS A 270 16.90 -1.50 21.09
CA LYS A 270 17.79 -2.57 21.51
C LYS A 270 18.72 -2.08 22.62
N LYS A 271 19.31 -3.03 23.33
CA LYS A 271 20.29 -2.67 24.35
C LYS A 271 21.47 -1.94 23.74
N ASN A 272 21.84 -2.26 22.51
CA ASN A 272 22.92 -1.56 21.82
C ASN A 272 22.48 -0.23 21.21
N ARG A 273 21.27 0.23 21.51
CA ARG A 273 20.74 1.55 21.15
C ARG A 273 20.27 1.62 19.70
N THR A 274 20.36 0.54 18.93
CA THR A 274 19.77 0.57 17.60
C THR A 274 18.27 0.35 17.70
N LEU A 275 17.57 0.67 16.61
CA LEU A 275 16.12 0.61 16.58
C LEU A 275 15.65 -0.52 15.68
N CYS A 276 14.55 -1.15 16.06
CA CYS A 276 14.02 -2.28 15.32
C CYS A 276 12.50 -2.16 15.27
N LEU A 277 11.94 -2.13 14.06
CA LEU A 277 10.50 -2.04 13.91
C LEU A 277 9.85 -3.40 14.03
N LEU A 278 8.64 -3.41 14.57
CA LEU A 278 7.80 -4.59 14.60
C LEU A 278 6.71 -4.40 13.57
N ILE A 279 6.70 -5.27 12.55
CA ILE A 279 5.89 -5.05 11.37
C ILE A 279 5.03 -6.29 11.09
N LEU A 280 3.73 -6.07 10.93
CA LEU A 280 2.80 -7.09 10.45
C LEU A 280 2.66 -6.99 8.95
N ASP A 281 2.56 -8.15 8.31
CA ASP A 281 2.51 -8.24 6.87
C ASP A 281 1.22 -8.95 6.46
N PRO A 282 0.37 -8.35 5.63
CA PRO A 282 -0.86 -9.04 5.21
C PRO A 282 -0.61 -10.21 4.29
N GLY A 283 0.65 -10.47 3.92
CA GLY A 283 0.98 -11.68 3.20
C GLY A 283 1.22 -12.88 4.08
N CYS A 284 1.40 -12.67 5.39
CA CYS A 284 1.69 -13.76 6.31
C CYS A 284 0.44 -14.61 6.52
N PRO A 285 0.50 -15.94 6.30
CA PRO A 285 -0.68 -16.77 6.53
C PRO A 285 -0.97 -16.97 8.00
N SER A 286 -2.21 -17.37 8.28
CA SER A 286 -2.65 -17.57 9.66
C SER A 286 -1.69 -18.47 10.44
N ARG A 287 -1.27 -19.58 9.82
CA ARG A 287 -0.47 -20.55 10.57
C ARG A 287 0.84 -19.97 11.06
N GLU A 288 1.39 -18.97 10.35
CA GLU A 288 2.61 -18.34 10.82
C GLU A 288 2.34 -17.36 11.96
N MET A 289 1.25 -16.58 11.89
CA MET A 289 0.90 -15.70 13.00
C MET A 289 0.52 -16.50 14.24
N GLN A 290 -0.08 -17.67 14.07
CA GLN A 290 -0.43 -18.51 15.21
C GLN A 290 0.79 -18.89 16.02
N LYS A 291 1.97 -18.91 15.39
CA LYS A 291 3.17 -19.28 16.14
C LYS A 291 3.43 -18.30 17.27
N LEU A 292 3.10 -17.02 17.05
CA LEU A 292 3.28 -15.99 18.06
C LEU A 292 2.29 -16.10 19.21
N LEU A 293 1.24 -16.91 19.07
CA LEU A 293 0.27 -17.09 20.13
C LEU A 293 0.54 -18.35 20.95
N LYS A 294 1.61 -19.08 20.66
CA LYS A 294 1.96 -20.26 21.42
C LYS A 294 2.59 -19.86 22.74
N GLN A 295 2.18 -20.55 23.82
CA GLN A 295 2.75 -20.29 25.14
C GLN A 295 4.27 -20.23 25.04
N ASP A 296 4.83 -19.12 25.54
CA ASP A 296 6.27 -18.90 25.42
C ASP A 296 6.68 -18.85 23.96
N ILE A 297 6.54 -17.68 23.34
CA ILE A 297 6.94 -17.48 21.95
C ILE A 297 8.38 -17.96 21.76
N GLU A 298 8.68 -18.47 20.57
CA GLU A 298 10.04 -18.81 20.19
C GLU A 298 10.70 -17.57 19.58
N ALA A 299 11.82 -17.15 20.16
CA ALA A 299 12.52 -15.96 19.67
C ALA A 299 12.76 -16.01 18.17
N SER A 300 12.95 -17.21 17.62
CA SER A 300 13.07 -17.35 16.16
C SER A 300 11.78 -16.98 15.46
N SER A 301 10.63 -17.14 16.13
CA SER A 301 9.36 -16.74 15.53
C SER A 301 9.24 -15.22 15.46
N LEU A 302 9.92 -14.52 16.36
CA LEU A 302 9.84 -13.06 16.38
C LEU A 302 10.68 -12.42 15.30
N LYS A 303 11.63 -13.15 14.72
CA LYS A 303 12.52 -12.58 13.72
C LYS A 303 11.73 -12.09 12.50
N GLN A 304 10.67 -12.81 12.14
CA GLN A 304 9.89 -12.39 10.97
C GLN A 304 9.23 -11.04 11.21
N LEU A 305 8.91 -10.71 12.46
CA LEU A 305 8.29 -9.42 12.75
C LEU A 305 9.29 -8.29 12.85
N ARG A 306 10.54 -8.61 13.14
CA ARG A 306 11.56 -7.61 13.44
C ARG A 306 12.25 -7.14 12.16
N LYS A 307 12.27 -5.82 11.96
CA LYS A 307 12.92 -5.22 10.80
C LYS A 307 13.82 -4.09 11.27
N SER A 308 15.12 -4.28 11.11
CA SER A 308 16.09 -3.24 11.39
C SER A 308 16.27 -2.36 10.15
N MET A 309 17.13 -1.36 10.25
CA MET A 309 17.33 -0.46 9.12
C MET A 309 17.81 -1.21 7.89
N GLY A 310 18.58 -2.27 8.08
CA GLY A 310 19.06 -3.06 6.95
C GLY A 310 17.95 -3.72 6.16
N ASN A 311 16.78 -3.88 6.77
CA ASN A 311 15.64 -4.53 6.14
C ASN A 311 14.70 -3.57 5.42
N LEU A 312 14.95 -2.26 5.49
CA LEU A 312 14.06 -1.25 4.88
C LEU A 312 14.89 -0.40 3.92
N LYS A 313 15.17 -0.97 2.74
CA LYS A 313 16.03 -0.30 1.76
C LYS A 313 15.29 0.04 0.48
N HIS A 314 13.97 -0.01 0.46
CA HIS A 314 13.26 0.60 -0.65
C HIS A 314 13.58 2.09 -0.70
N LYS A 315 13.51 2.65 -1.91
CA LYS A 315 13.93 4.03 -2.11
C LYS A 315 13.06 5.00 -1.34
N GLN A 316 11.76 4.71 -1.25
CA GLN A 316 10.77 5.64 -0.73
C GLN A 316 9.76 4.89 0.12
N TYR A 317 9.47 5.43 1.29
CA TYR A 317 8.43 4.92 2.18
C TYR A 317 7.48 6.05 2.48
N GLN A 318 6.19 5.75 2.51
CA GLN A 318 5.20 6.68 3.05
C GLN A 318 4.51 6.02 4.23
N ILE A 319 4.38 6.76 5.29
CA ILE A 319 3.59 6.32 6.41
C ILE A 319 2.31 7.12 6.47
N LEU A 320 1.28 6.51 7.04
N LEU A 320 1.26 6.48 6.97
CA LEU A 320 0.02 7.17 7.35
CA LEU A 320 0.04 7.14 7.36
C LEU A 320 -0.27 6.89 8.82
C LEU A 320 -0.15 6.88 8.84
N ALA A 321 -0.27 7.94 9.62
CA ALA A 321 -0.43 7.85 11.06
C ALA A 321 -1.70 8.56 11.47
N VAL A 322 -2.39 7.98 12.43
CA VAL A 322 -3.67 8.47 12.94
C VAL A 322 -3.44 9.18 14.25
N GLU A 323 -4.15 10.30 14.45
CA GLU A 323 -3.87 11.22 15.54
C GLU A 323 -5.11 11.61 16.35
N GLY A 324 -6.29 11.17 15.97
CA GLY A 324 -7.50 11.47 16.70
C GLY A 324 -8.69 11.63 15.74
N ALA A 325 -9.62 12.50 16.14
CA ALA A 325 -10.85 12.71 15.39
C ALA A 325 -10.92 14.13 14.87
N LEU A 326 -11.79 14.34 13.89
CA LEU A 326 -11.99 15.62 13.24
C LEU A 326 -13.42 16.12 13.47
N SER A 327 -13.56 17.43 13.62
CA SER A 327 -14.86 18.03 13.45
C SER A 327 -15.22 18.00 11.97
N LEU A 328 -16.51 18.19 11.68
CA LEU A 328 -16.91 18.28 10.28
C LEU A 328 -16.15 19.41 9.57
N GLU A 329 -16.05 20.57 10.22
CA GLU A 329 -15.34 21.70 9.63
C GLU A 329 -13.90 21.31 9.27
N GLU A 330 -13.21 20.62 10.18
CA GLU A 330 -11.84 20.20 9.90
C GLU A 330 -11.80 19.20 8.75
N LYS A 331 -12.75 18.27 8.71
CA LYS A 331 -12.84 17.36 7.58
C LYS A 331 -12.97 18.11 6.26
N LEU A 332 -13.86 19.10 6.22
CA LEU A 332 -14.07 19.84 4.98
C LEU A 332 -12.83 20.62 4.59
N ALA A 333 -12.10 21.16 5.57
CA ALA A 333 -10.85 21.84 5.26
C ALA A 333 -9.87 20.87 4.63
N ARG A 334 -9.82 19.64 5.14
CA ARG A 334 -8.92 18.63 4.61
C ARG A 334 -9.39 18.13 3.25
N ARG A 335 -10.70 18.06 3.03
CA ARG A 335 -11.19 17.73 1.70
C ARG A 335 -10.68 18.74 0.67
N GLN A 336 -10.78 20.03 0.98
CA GLN A 336 -10.31 21.04 0.05
C GLN A 336 -8.81 20.96 -0.12
N ALA A 337 -8.08 20.76 0.98
CA ALA A 337 -6.64 20.61 0.88
C ALA A 337 -6.25 19.47 -0.02
N SER A 338 -7.09 18.42 -0.09
CA SER A 338 -6.76 17.23 -0.87
C SER A 338 -6.91 17.45 -2.37
N GLN A 339 -7.42 18.61 -2.80
CA GLN A 339 -7.51 18.91 -4.22
C GLN A 339 -6.13 19.06 -4.83
N VAL A 340 -5.20 19.64 -4.08
CA VAL A 340 -3.79 19.68 -4.46
C VAL A 340 -3.10 18.82 -3.43
N PHE A 341 -2.94 17.55 -3.75
CA PHE A 341 -2.60 16.54 -2.76
C PHE A 341 -1.11 16.58 -2.48
N THR A 342 -0.75 16.94 -1.25
CA THR A 342 0.63 17.03 -0.82
C THR A 342 0.78 16.27 0.50
N ALA A 343 2.02 15.98 0.84
CA ALA A 343 2.32 15.37 2.12
C ALA A 343 3.60 15.97 2.67
N GLU A 344 3.74 15.90 3.99
CA GLU A 344 5.00 16.26 4.62
C GLU A 344 6.10 15.39 4.03
N LYS A 345 7.18 16.04 3.59
CA LYS A 345 8.31 15.34 2.99
C LYS A 345 9.49 15.38 3.94
N ILE A 346 10.19 14.25 4.02
CA ILE A 346 11.41 14.11 4.81
C ILE A 346 12.41 13.36 3.93
N PRO A 347 13.63 13.87 3.71
CA PRO A 347 14.16 15.14 4.21
C PRO A 347 13.52 16.33 3.53
N MET B 1 13.75 14.38 -30.80
CA MET B 1 12.84 13.32 -31.31
C MET B 1 11.56 13.27 -30.46
N GLN B 2 10.56 12.56 -30.96
CA GLN B 2 9.26 12.47 -30.30
C GLN B 2 9.10 11.10 -29.65
N ILE B 3 8.71 11.09 -28.38
CA ILE B 3 8.32 9.86 -27.69
C ILE B 3 6.95 10.10 -27.07
N PHE B 4 6.33 9.00 -26.66
CA PHE B 4 5.05 9.04 -25.98
C PHE B 4 5.22 8.58 -24.53
N VAL B 5 4.39 9.13 -23.66
CA VAL B 5 4.35 8.76 -22.25
C VAL B 5 2.90 8.46 -21.91
N LYS B 6 2.64 7.24 -21.45
CA LYS B 6 1.28 6.73 -21.32
C LYS B 6 1.06 6.23 -19.89
N THR B 7 0.06 6.77 -19.22
CA THR B 7 -0.27 6.33 -17.88
C THR B 7 -1.07 5.03 -17.95
N LEU B 8 -1.25 4.40 -16.80
CA LEU B 8 -1.94 3.11 -16.80
C LEU B 8 -3.45 3.24 -16.94
N THR B 9 -3.97 4.46 -17.01
CA THR B 9 -5.35 4.67 -17.48
C THR B 9 -5.42 4.95 -18.97
N GLY B 10 -4.29 4.93 -19.67
CA GLY B 10 -4.30 5.17 -21.10
C GLY B 10 -4.10 6.61 -21.50
N LYS B 11 -4.01 7.54 -20.55
CA LYS B 11 -3.73 8.93 -20.88
C LYS B 11 -2.34 9.03 -21.50
N THR B 12 -2.27 9.59 -22.69
CA THR B 12 -1.03 9.64 -23.46
C THR B 12 -0.67 11.07 -23.79
N ILE B 13 0.61 11.40 -23.62
CA ILE B 13 1.16 12.67 -24.04
C ILE B 13 2.38 12.39 -24.91
N THR B 14 2.75 13.38 -25.71
CA THR B 14 3.96 13.33 -26.51
C THR B 14 4.99 14.27 -25.90
N LEU B 15 6.25 13.86 -25.93
CA LEU B 15 7.36 14.67 -25.48
C LEU B 15 8.36 14.87 -26.61
N GLU B 16 8.98 16.03 -26.62
CA GLU B 16 10.14 16.29 -27.47
C GLU B 16 11.39 16.05 -26.63
N VAL B 17 12.21 15.10 -27.03
CA VAL B 17 13.37 14.67 -26.25
C VAL B 17 14.55 14.42 -27.18
N GLU B 18 15.73 14.31 -26.58
CA GLU B 18 16.94 13.88 -27.23
C GLU B 18 17.46 12.61 -26.57
N PRO B 19 18.20 11.77 -27.29
CA PRO B 19 18.73 10.54 -26.67
C PRO B 19 19.57 10.81 -25.44
N SER B 20 20.22 11.98 -25.37
CA SER B 20 21.05 12.31 -24.23
C SER B 20 20.26 12.79 -23.02
N ASP B 21 18.95 13.00 -23.16
CA ASP B 21 18.14 13.39 -22.01
C ASP B 21 18.21 12.32 -20.93
N THR B 22 18.39 12.75 -19.68
CA THR B 22 18.30 11.81 -18.58
C THR B 22 16.84 11.52 -18.26
N ILE B 23 16.61 10.42 -17.56
CA ILE B 23 15.26 10.11 -17.10
C ILE B 23 14.75 11.22 -16.20
N GLU B 24 15.65 11.79 -15.40
CA GLU B 24 15.33 12.96 -14.59
C GLU B 24 14.81 14.11 -15.46
N ASN B 25 15.49 14.37 -16.58
CA ASN B 25 15.02 15.41 -17.50
C ASN B 25 13.65 15.06 -18.08
N VAL B 26 13.42 13.78 -18.35
CA VAL B 26 12.15 13.37 -18.92
C VAL B 26 11.03 13.59 -17.92
N LYS B 27 11.28 13.24 -16.65
CA LYS B 27 10.27 13.48 -15.63
C LYS B 27 9.96 14.97 -15.52
N ALA B 28 10.98 15.81 -15.68
CA ALA B 28 10.75 17.25 -15.65
C ALA B 28 9.89 17.69 -16.82
N LYS B 29 10.13 17.11 -18.00
CA LYS B 29 9.29 17.42 -19.16
C LYS B 29 7.85 16.97 -18.94
N ILE B 30 7.67 15.85 -18.25
CA ILE B 30 6.33 15.40 -17.89
C ILE B 30 5.68 16.38 -16.92
N GLN B 31 6.45 16.85 -15.92
CA GLN B 31 5.92 17.86 -15.01
C GLN B 31 5.54 19.13 -15.77
N ASP B 32 6.34 19.51 -16.76
CA ASP B 32 6.06 20.70 -17.54
C ASP B 32 4.70 20.62 -18.24
N LYS B 33 4.31 19.42 -18.69
CA LYS B 33 3.07 19.23 -19.41
C LYS B 33 1.89 18.94 -18.50
N GLU B 34 2.09 18.13 -17.46
CA GLU B 34 1.01 17.59 -16.66
C GLU B 34 1.00 18.12 -15.23
N GLY B 35 2.05 18.78 -14.78
CA GLY B 35 2.11 19.29 -13.43
C GLY B 35 2.36 18.25 -12.36
N ILE B 36 2.85 17.08 -12.75
CA ILE B 36 3.08 15.97 -11.82
C ILE B 36 4.51 16.07 -11.32
N PRO B 37 4.75 16.20 -10.01
CA PRO B 37 6.12 16.28 -9.53
C PRO B 37 6.90 15.02 -9.88
N PRO B 38 8.21 15.15 -10.15
CA PRO B 38 8.99 13.97 -10.52
C PRO B 38 8.97 12.86 -9.49
N ASP B 39 8.91 13.19 -8.20
N ASP B 39 8.91 13.20 -8.20
CA ASP B 39 8.93 12.17 -7.16
CA ASP B 39 8.92 12.19 -7.13
C ASP B 39 7.66 11.32 -7.12
C ASP B 39 7.71 11.27 -7.23
N GLN B 40 6.63 11.72 -7.86
CA GLN B 40 5.42 10.91 -7.99
C GLN B 40 5.45 10.06 -9.24
N GLN B 41 6.52 10.13 -10.04
CA GLN B 41 6.61 9.45 -11.33
C GLN B 41 7.55 8.26 -11.28
N ARG B 42 7.09 7.14 -11.83
CA ARG B 42 7.94 5.99 -12.12
C ARG B 42 7.75 5.65 -13.59
N LEU B 43 8.85 5.64 -14.34
CA LEU B 43 8.80 5.36 -15.77
C LEU B 43 9.26 3.95 -16.04
N ILE B 44 8.51 3.25 -16.90
CA ILE B 44 8.76 1.86 -17.26
C ILE B 44 8.90 1.76 -18.76
N PHE B 45 9.92 1.02 -19.19
CA PHE B 45 10.10 0.71 -20.60
C PHE B 45 10.79 -0.64 -20.73
N ALA B 46 10.27 -1.49 -21.61
CA ALA B 46 10.83 -2.83 -21.80
C ALA B 46 10.87 -3.61 -20.49
N GLY B 47 9.85 -3.41 -19.66
CA GLY B 47 9.71 -4.14 -18.42
C GLY B 47 10.63 -3.71 -17.30
N LYS B 48 11.34 -2.60 -17.46
CA LYS B 48 12.32 -2.15 -16.48
C LYS B 48 11.98 -0.73 -16.02
N GLN B 49 12.17 -0.46 -14.73
CA GLN B 49 11.97 0.90 -14.23
C GLN B 49 13.20 1.72 -14.53
N LEU B 50 13.00 2.85 -15.21
CA LEU B 50 14.10 3.69 -15.65
C LEU B 50 14.65 4.50 -14.49
N GLU B 51 15.98 4.61 -14.43
CA GLU B 51 16.67 5.25 -13.33
C GLU B 51 17.05 6.67 -13.69
N ASP B 52 16.98 7.57 -12.69
CA ASP B 52 17.03 9.01 -12.96
C ASP B 52 18.31 9.42 -13.66
N GLY B 53 19.45 8.87 -13.25
CA GLY B 53 20.73 9.27 -13.80
C GLY B 53 21.06 8.68 -15.16
N ARG B 54 20.28 7.71 -15.62
CA ARG B 54 20.50 7.12 -16.93
C ARG B 54 19.85 8.01 -17.99
N THR B 55 20.24 7.79 -19.24
CA THR B 55 19.72 8.55 -20.37
C THR B 55 18.80 7.69 -21.22
N LEU B 56 18.04 8.34 -22.08
CA LEU B 56 17.19 7.61 -23.01
C LEU B 56 18.02 6.69 -23.89
N SER B 57 19.23 7.13 -24.26
CA SER B 57 20.10 6.28 -25.07
C SER B 57 20.52 5.02 -24.30
N ASP B 58 20.65 5.11 -22.98
CA ASP B 58 21.01 3.94 -22.20
C ASP B 58 19.97 2.83 -22.34
N TYR B 59 18.73 3.18 -22.69
CA TYR B 59 17.64 2.23 -22.78
C TYR B 59 17.18 1.97 -24.21
N ASN B 60 17.91 2.45 -25.21
CA ASN B 60 17.53 2.24 -26.61
C ASN B 60 16.15 2.82 -26.91
N ILE B 61 15.78 3.89 -26.22
CA ILE B 61 14.57 4.61 -26.59
C ILE B 61 14.77 5.21 -27.97
N GLN B 62 13.74 5.12 -28.80
CA GLN B 62 13.82 5.61 -30.16
C GLN B 62 12.53 6.33 -30.50
N LYS B 63 12.54 7.00 -31.65
CA LYS B 63 11.39 7.73 -32.15
C LYS B 63 10.12 6.93 -31.94
N GLU B 64 9.11 7.57 -31.34
CA GLU B 64 7.77 7.01 -31.16
C GLU B 64 7.74 5.84 -30.20
N SER B 65 8.81 5.62 -29.44
CA SER B 65 8.75 4.70 -28.32
C SER B 65 7.73 5.20 -27.31
N THR B 66 7.21 4.28 -26.50
CA THR B 66 6.24 4.62 -25.46
C THR B 66 6.80 4.22 -24.11
N LEU B 67 6.98 5.20 -23.24
CA LEU B 67 7.24 4.96 -21.83
C LEU B 67 5.92 4.87 -21.09
N HIS B 68 5.85 3.94 -20.16
CA HIS B 68 4.66 3.85 -19.33
C HIS B 68 4.91 4.52 -17.99
N LEU B 69 3.96 5.32 -17.57
CA LEU B 69 4.11 6.20 -16.40
C LEU B 69 3.21 5.70 -15.28
N VAL B 70 3.84 5.19 -14.24
CA VAL B 70 3.16 4.83 -12.99
C VAL B 70 3.20 6.04 -12.07
N LEU B 71 2.08 6.30 -11.39
CA LEU B 71 1.95 7.52 -10.59
C LEU B 71 1.69 7.19 -9.13
N ARG B 72 2.36 7.97 -8.27
CA ARG B 72 2.25 7.84 -6.83
C ARG B 72 2.76 6.50 -6.35
N LEU B 73 2.62 6.25 -5.05
CA LEU B 73 3.21 5.10 -4.39
C LEU B 73 2.09 4.18 -3.92
N ARG B 74 1.90 3.08 -4.64
CA ARG B 74 0.85 2.13 -4.34
C ARG B 74 1.44 0.72 -4.33
N GLY B 75 0.63 -0.24 -3.90
CA GLY B 75 1.07 -1.62 -3.78
C GLY B 75 -0.05 -2.61 -3.60
C2 AYE C . -0.31 -5.51 -2.16
C3 AYE C . -0.35 -6.81 -2.03
C1 AYE C . -0.61 -4.89 -3.53
N1 AYE C . 0.22 -3.73 -3.80
H3 AYE C . -0.17 -7.21 -1.20
H3A AYE C . -0.56 -7.35 -2.76
H1 AYE C . -0.44 -5.56 -4.21
H1A AYE C . -1.54 -4.63 -3.56
HN1 AYE C . 1.00 -3.98 -4.22
C1 GOL D . -3.43 15.26 1.87
O1 GOL D . -4.13 16.45 1.60
C2 GOL D . -2.73 15.39 3.25
O2 GOL D . -1.82 16.46 3.26
C3 GOL D . -2.03 14.03 3.50
O3 GOL D . -1.39 14.10 4.77
H11 GOL D . -2.78 15.05 1.20
H12 GOL D . -4.04 14.49 1.89
HO1 GOL D . -4.50 16.35 0.84
H2 GOL D . -3.38 15.59 3.94
HO2 GOL D . -1.44 16.46 4.02
H31 GOL D . -1.42 13.84 2.77
H32 GOL D . -2.69 13.32 3.46
HO3 GOL D . -1.60 14.85 5.10
C1 MLI E . 11.98 1.41 -6.03
C2 MLI E . 11.97 0.67 -4.70
C3 MLI E . 11.10 2.67 -6.00
O6 MLI E . 11.01 -0.12 -4.45
O7 MLI E . 12.89 0.85 -3.87
O8 MLI E . 10.91 3.32 -7.06
O9 MLI E . 10.58 3.04 -4.92
H11 MLI E . 11.66 0.82 -6.73
H12 MLI E . 12.90 1.68 -6.22
#